data_2FLH
#
_entry.id   2FLH
#
_cell.length_a   113.790
_cell.length_b   113.790
_cell.length_c   86.980
_cell.angle_alpha   90.00
_cell.angle_beta   90.00
_cell.angle_gamma   120.00
#
_symmetry.space_group_name_H-M   'P 64'
#
loop_
_entity.id
_entity.type
_entity.pdbx_description
1 polymer 'cytokinin-specific binding protein'
2 non-polymer (2E)-2-methyl-4-(9H-purin-6-ylamino)but-2-en-1-ol
3 non-polymer 'SODIUM ION'
4 water water
#
_entity_poly.entity_id   1
_entity_poly.type   'polypeptide(L)'
_entity_poly.pdbx_seq_one_letter_code
;MVKEFNTQTELSVRLEALWAVLSKDFITVVPKVLPHIVKDVQLIEGDGGVGTILIFNFLPEVSPSYQREEITEFDESSHE
IGLQVIEGGYLSQGLSYYKTTFKLSEIEEDKTLVNVKISYDHDSDIEEKVTPTKTSQSTLMYLRRLERYLSNGSA
;
_entity_poly.pdbx_strand_id   A,B,C,D
#
# COMPACT_ATOMS: atom_id res chain seq x y z
N MET A 1 -60.57 -0.44 10.39
CA MET A 1 -59.66 -1.46 9.89
C MET A 1 -58.32 -0.80 9.52
N VAL A 2 -57.25 -1.57 9.54
CA VAL A 2 -55.93 -1.01 9.20
C VAL A 2 -55.85 -0.59 7.73
N LYS A 3 -55.44 0.63 7.53
CA LYS A 3 -55.31 1.26 6.22
C LYS A 3 -53.83 1.56 5.97
N GLU A 4 -53.52 1.87 4.71
CA GLU A 4 -52.13 2.13 4.34
CA GLU A 4 -52.17 2.11 4.24
C GLU A 4 -52.05 3.47 3.59
N PHE A 5 -50.89 4.10 3.80
CA PHE A 5 -50.42 5.30 3.14
C PHE A 5 -49.00 5.03 2.64
N ASN A 6 -48.76 5.18 1.37
CA ASN A 6 -47.44 4.97 0.79
C ASN A 6 -46.93 6.24 0.17
N THR A 7 -45.60 6.45 0.37
CA THR A 7 -44.90 7.55 -0.27
C THR A 7 -43.45 7.16 -0.48
N GLN A 8 -42.68 8.02 -1.06
CA GLN A 8 -41.28 7.71 -1.30
C GLN A 8 -40.49 9.04 -1.50
N THR A 9 -39.18 8.87 -1.40
CA THR A 9 -38.23 9.99 -1.65
C THR A 9 -36.91 9.38 -2.13
N GLU A 10 -36.23 10.11 -3.00
CA GLU A 10 -34.92 9.77 -3.46
C GLU A 10 -33.91 10.70 -2.75
N LEU A 11 -32.92 10.04 -2.13
CA LEU A 11 -31.91 10.75 -1.36
C LEU A 11 -30.54 10.61 -2.01
N SER A 12 -29.77 11.69 -1.97
CA SER A 12 -28.47 11.75 -2.57
C SER A 12 -27.41 11.19 -1.60
N VAL A 13 -27.48 9.91 -1.31
CA VAL A 13 -26.57 9.24 -0.39
C VAL A 13 -26.39 7.78 -0.81
N ARG A 14 -25.29 7.21 -0.37
CA ARG A 14 -25.05 5.80 -0.61
C ARG A 14 -25.99 4.92 0.22
N LEU A 15 -26.46 3.85 -0.43
CA LEU A 15 -27.40 2.92 0.23
C LEU A 15 -26.88 2.45 1.59
N GLU A 16 -25.63 1.98 1.63
CA GLU A 16 -25.13 1.37 2.87
C GLU A 16 -25.01 2.42 3.98
N ALA A 17 -24.70 3.64 3.65
CA ALA A 17 -24.55 4.72 4.67
C ALA A 17 -25.93 5.05 5.25
N LEU A 18 -26.93 5.16 4.40
CA LEU A 18 -28.29 5.45 4.83
C LEU A 18 -28.83 4.27 5.63
N TRP A 19 -28.62 3.03 5.22
CA TRP A 19 -29.04 1.86 5.93
C TRP A 19 -28.45 1.80 7.32
N ALA A 20 -27.15 2.09 7.48
CA ALA A 20 -26.54 2.05 8.79
C ALA A 20 -27.20 3.03 9.72
N VAL A 21 -27.43 4.27 9.31
CA VAL A 21 -27.96 5.26 10.24
C VAL A 21 -29.43 4.97 10.48
N LEU A 22 -30.19 4.57 9.46
CA LEU A 22 -31.60 4.31 9.59
C LEU A 22 -31.85 3.14 10.50
N SER A 23 -31.08 2.06 10.37
CA SER A 23 -31.41 0.79 10.93
C SER A 23 -30.74 0.50 12.23
N LYS A 24 -29.59 1.12 12.53
CA LYS A 24 -28.77 0.71 13.64
C LYS A 24 -28.15 1.85 14.40
N ASP A 25 -27.70 2.94 13.75
CA ASP A 25 -26.91 3.97 14.38
C ASP A 25 -27.67 5.21 14.76
N PHE A 26 -29.00 5.10 14.86
CA PHE A 26 -29.86 6.24 14.99
C PHE A 26 -29.94 6.83 16.40
N ILE A 27 -29.43 6.17 17.43
CA ILE A 27 -29.77 6.61 18.81
C ILE A 27 -29.24 7.98 19.09
N THR A 28 -27.99 8.33 18.71
CA THR A 28 -27.49 9.70 18.89
C THR A 28 -27.96 10.61 17.78
N VAL A 29 -28.39 10.10 16.66
CA VAL A 29 -28.69 10.92 15.47
C VAL A 29 -30.05 11.54 15.55
N VAL A 30 -31.05 10.78 15.99
CA VAL A 30 -32.40 11.35 16.02
C VAL A 30 -32.45 12.64 16.79
N PRO A 31 -31.92 12.76 18.00
CA PRO A 31 -31.97 14.04 18.71
C PRO A 31 -31.18 15.15 18.06
N LYS A 32 -30.10 14.79 17.34
CA LYS A 32 -29.32 15.79 16.66
C LYS A 32 -30.03 16.38 15.43
N VAL A 33 -30.77 15.52 14.72
CA VAL A 33 -31.42 16.00 13.49
C VAL A 33 -32.86 16.45 13.72
N LEU A 34 -33.46 16.06 14.84
CA LEU A 34 -34.82 16.51 15.22
C LEU A 34 -34.79 17.21 16.58
N PRO A 35 -33.92 18.21 16.76
CA PRO A 35 -33.75 18.79 18.11
C PRO A 35 -34.98 19.58 18.59
N HIS A 36 -35.91 19.93 17.69
CA HIS A 36 -37.14 20.62 18.02
C HIS A 36 -38.22 19.68 18.55
N ILE A 37 -37.97 18.36 18.49
CA ILE A 37 -38.93 17.34 18.82
C ILE A 37 -38.40 16.35 19.84
N VAL A 38 -37.25 15.70 19.58
CA VAL A 38 -36.75 14.59 20.30
C VAL A 38 -35.59 15.03 21.21
N LYS A 39 -35.76 14.82 22.51
CA LYS A 39 -34.74 15.08 23.49
C LYS A 39 -33.71 13.96 23.54
N ASP A 40 -34.11 12.71 23.57
CA ASP A 40 -33.20 11.58 23.60
C ASP A 40 -33.93 10.28 23.17
N VAL A 41 -33.21 9.27 22.86
CA VAL A 41 -33.71 7.92 22.53
C VAL A 41 -33.06 6.93 23.49
N GLN A 42 -33.85 6.09 24.11
CA GLN A 42 -33.40 5.04 25.03
C GLN A 42 -33.66 3.66 24.42
N LEU A 43 -32.67 2.79 24.52
CA LEU A 43 -32.80 1.40 24.23
C LEU A 43 -33.36 0.70 25.43
N ILE A 44 -34.49 0.06 25.33
CA ILE A 44 -35.23 -0.49 26.46
C ILE A 44 -35.02 -2.00 26.54
N GLU A 45 -35.06 -2.65 25.38
CA GLU A 45 -34.97 -4.10 25.34
C GLU A 45 -34.40 -4.48 23.97
N GLY A 46 -33.69 -5.59 23.88
CA GLY A 46 -33.17 -6.06 22.62
C GLY A 46 -31.79 -5.49 22.30
N ASP A 47 -31.24 -5.93 21.20
CA ASP A 47 -29.89 -5.58 20.80
C ASP A 47 -29.86 -5.14 19.35
N GLY A 48 -31.02 -4.74 18.83
CA GLY A 48 -31.04 -4.37 17.39
C GLY A 48 -31.79 -5.41 16.63
N GLY A 49 -32.43 -5.03 15.51
CA GLY A 49 -33.31 -6.02 14.87
C GLY A 49 -34.57 -6.30 15.63
N VAL A 50 -35.30 -7.33 15.14
CA VAL A 50 -36.66 -7.58 15.55
C VAL A 50 -36.71 -7.79 17.05
N GLY A 51 -37.71 -7.19 17.67
CA GLY A 51 -38.04 -7.21 19.05
C GLY A 51 -37.41 -6.16 19.90
N THR A 52 -36.56 -5.32 19.31
CA THR A 52 -35.96 -4.21 20.01
C THR A 52 -37.04 -3.18 20.35
N ILE A 53 -37.00 -2.68 21.56
CA ILE A 53 -37.90 -1.64 22.01
C ILE A 53 -37.13 -0.36 22.36
N LEU A 54 -37.64 0.76 21.90
CA LEU A 54 -37.09 2.09 22.03
C LEU A 54 -38.07 3.02 22.73
N ILE A 55 -37.59 3.95 23.54
CA ILE A 55 -38.32 5.11 23.99
C ILE A 55 -37.74 6.37 23.36
N PHE A 56 -38.57 7.17 22.75
CA PHE A 56 -38.27 8.48 22.30
C PHE A 56 -38.86 9.47 23.32
N ASN A 57 -37.99 10.18 24.00
CA ASN A 57 -38.40 11.22 24.93
C ASN A 57 -38.44 12.54 24.18
N PHE A 58 -39.55 13.20 24.23
CA PHE A 58 -39.75 14.44 23.54
C PHE A 58 -39.37 15.62 24.43
N LEU A 59 -39.30 16.80 23.83
CA LEU A 59 -39.03 18.02 24.58
C LEU A 59 -40.18 18.22 25.60
N PRO A 60 -39.82 18.86 26.71
CA PRO A 60 -40.80 19.10 27.79
C PRO A 60 -42.06 19.78 27.33
N GLU A 61 -41.99 20.65 26.34
CA GLU A 61 -43.22 21.34 25.88
C GLU A 61 -44.14 20.39 25.12
N VAL A 62 -43.73 19.17 24.80
CA VAL A 62 -44.53 18.28 23.94
C VAL A 62 -45.38 17.35 24.75
N SER A 63 -46.66 17.20 24.37
CA SER A 63 -47.47 16.15 25.01
C SER A 63 -48.06 15.29 23.89
N PRO A 64 -48.02 14.00 23.90
CA PRO A 64 -47.49 13.14 25.00
C PRO A 64 -45.98 13.35 25.09
N SER A 65 -45.34 13.08 26.22
CA SER A 65 -43.93 13.44 26.37
C SER A 65 -43.01 12.36 25.81
N TYR A 66 -43.58 11.25 25.32
CA TYR A 66 -42.76 10.17 24.83
C TYR A 66 -43.53 9.29 23.83
N GLN A 67 -42.81 8.42 23.19
CA GLN A 67 -43.43 7.36 22.38
CA GLN A 67 -43.34 7.40 22.28
C GLN A 67 -42.52 6.14 22.50
N ARG A 68 -43.12 4.99 22.68
CA ARG A 68 -42.47 3.70 22.75
C ARG A 68 -42.67 3.01 21.41
N GLU A 69 -41.60 2.54 20.79
CA GLU A 69 -41.67 1.90 19.48
C GLU A 69 -40.95 0.56 19.54
N GLU A 70 -41.40 -0.38 18.72
CA GLU A 70 -40.82 -1.68 18.61
C GLU A 70 -40.43 -1.98 17.19
N ILE A 71 -39.21 -2.51 17.00
CA ILE A 71 -38.81 -2.96 15.66
C ILE A 71 -39.53 -4.28 15.37
N THR A 72 -40.44 -4.26 14.41
CA THR A 72 -41.25 -5.43 14.10
C THR A 72 -40.80 -6.16 12.89
N GLU A 73 -40.08 -5.58 11.96
CA GLU A 73 -39.54 -6.20 10.78
C GLU A 73 -38.10 -5.64 10.58
N PHE A 74 -37.21 -6.53 10.20
CA PHE A 74 -35.84 -6.14 9.94
C PHE A 74 -35.29 -7.12 8.94
N ASP A 75 -34.93 -6.65 7.77
CA ASP A 75 -34.30 -7.52 6.79
C ASP A 75 -33.14 -6.84 6.14
N GLU A 76 -31.93 -7.32 6.44
CA GLU A 76 -30.71 -6.72 5.88
C GLU A 76 -30.66 -6.87 4.38
N SER A 77 -31.08 -8.09 3.92
CA SER A 77 -30.83 -8.31 2.46
C SER A 77 -31.70 -7.43 1.60
N SER A 78 -32.90 -7.08 2.06
CA SER A 78 -33.76 -6.19 1.28
C SER A 78 -33.78 -4.76 1.84
N HIS A 79 -32.98 -4.49 2.86
CA HIS A 79 -32.89 -3.15 3.45
C HIS A 79 -34.28 -2.62 3.85
N GLU A 80 -34.96 -3.42 4.65
CA GLU A 80 -36.29 -3.11 5.14
C GLU A 80 -36.31 -3.10 6.66
N ILE A 81 -36.92 -2.07 7.25
CA ILE A 81 -37.07 -1.98 8.66
C ILE A 81 -38.50 -1.37 8.94
N GLY A 82 -39.18 -2.07 9.85
CA GLY A 82 -40.52 -1.64 10.29
C GLY A 82 -40.53 -1.42 11.79
N LEU A 83 -41.16 -0.26 12.19
CA LEU A 83 -41.28 0.15 13.58
C LEU A 83 -42.75 0.43 13.92
N GLN A 84 -43.23 -0.22 14.97
CA GLN A 84 -44.61 -0.05 15.42
C GLN A 84 -44.65 0.82 16.68
N VAL A 85 -45.52 1.80 16.71
CA VAL A 85 -45.73 2.56 17.98
C VAL A 85 -46.59 1.68 18.87
N ILE A 86 -46.09 1.42 20.08
CA ILE A 86 -46.78 0.56 21.02
C ILE A 86 -47.26 1.30 22.24
N GLU A 87 -46.82 2.52 22.51
CA GLU A 87 -47.30 3.34 23.63
C GLU A 87 -47.02 4.79 23.34
N GLY A 88 -47.88 5.69 23.77
CA GLY A 88 -47.66 7.11 23.58
C GLY A 88 -47.68 7.50 22.11
N GLY A 89 -46.92 8.61 21.82
CA GLY A 89 -46.94 9.14 20.46
C GLY A 89 -48.33 9.31 19.93
N TYR A 90 -48.50 8.92 18.68
CA TYR A 90 -49.77 9.04 17.99
C TYR A 90 -50.89 8.21 18.61
N LEU A 91 -50.58 7.17 19.34
CA LEU A 91 -51.59 6.38 20.04
C LEU A 91 -52.28 7.24 21.11
N SER A 92 -51.71 8.28 21.58
CA SER A 92 -52.34 9.21 22.54
C SER A 92 -53.10 10.32 21.84
N GLN A 93 -53.11 10.30 20.52
CA GLN A 93 -53.72 11.38 19.77
C GLN A 93 -54.81 10.84 18.84
N GLY A 94 -55.36 9.67 19.13
CA GLY A 94 -56.52 9.17 18.44
C GLY A 94 -56.23 8.00 17.51
N LEU A 95 -54.95 7.65 17.32
CA LEU A 95 -54.63 6.45 16.54
C LEU A 95 -54.81 5.20 17.44
N SER A 96 -55.32 4.15 16.87
CA SER A 96 -55.39 2.84 17.55
C SER A 96 -54.28 1.90 17.07
N TYR A 97 -53.67 2.23 15.95
CA TYR A 97 -52.62 1.40 15.35
C TYR A 97 -51.72 2.30 14.54
N TYR A 98 -50.40 2.14 14.61
CA TYR A 98 -49.50 2.92 13.79
C TYR A 98 -48.17 2.20 13.62
N LYS A 99 -47.79 1.97 12.37
CA LYS A 99 -46.54 1.36 12.02
C LYS A 99 -45.95 2.05 10.80
N THR A 100 -44.65 2.19 10.79
CA THR A 100 -43.89 2.78 9.68
C THR A 100 -42.89 1.73 9.19
N THR A 101 -42.90 1.47 7.86
CA THR A 101 -41.98 0.58 7.24
C THR A 101 -41.16 1.33 6.18
N PHE A 102 -39.87 1.21 6.29
CA PHE A 102 -38.93 1.84 5.35
C PHE A 102 -38.28 0.74 4.53
N LYS A 103 -38.13 0.97 3.22
CA LYS A 103 -37.43 0.04 2.38
C LYS A 103 -36.51 0.84 1.45
N LEU A 104 -35.24 0.41 1.42
CA LEU A 104 -34.25 1.12 0.62
C LEU A 104 -33.87 0.36 -0.65
N SER A 105 -33.62 1.07 -1.69
CA SER A 105 -33.12 0.46 -2.91
C SER A 105 -32.11 1.36 -3.57
N GLU A 106 -31.27 0.75 -4.38
CA GLU A 106 -30.19 1.51 -5.04
C GLU A 106 -30.70 1.94 -6.41
N ILE A 107 -30.64 3.18 -6.66
CA ILE A 107 -30.98 3.73 -8.01
C ILE A 107 -29.69 3.94 -8.78
N GLU A 108 -28.75 4.60 -8.13
CA GLU A 108 -27.38 4.72 -8.62
C GLU A 108 -26.44 4.63 -7.43
N GLU A 109 -25.16 4.64 -7.63
CA GLU A 109 -24.20 4.58 -6.54
C GLU A 109 -24.50 5.58 -5.42
N ASP A 110 -24.89 6.74 -5.80
CA ASP A 110 -25.13 7.82 -4.81
C ASP A 110 -26.54 8.34 -4.82
N LYS A 111 -27.48 7.50 -5.20
CA LYS A 111 -28.89 7.83 -5.17
C LYS A 111 -29.63 6.60 -4.62
N THR A 112 -30.33 6.81 -3.52
CA THR A 112 -31.07 5.75 -2.85
C THR A 112 -32.57 6.12 -2.77
N LEU A 113 -33.39 5.19 -3.20
CA LEU A 113 -34.85 5.33 -3.07
C LEU A 113 -35.26 4.80 -1.69
N VAL A 114 -36.07 5.60 -1.01
CA VAL A 114 -36.71 5.17 0.22
C VAL A 114 -38.24 5.08 0.01
N ASN A 115 -38.77 3.89 0.09
CA ASN A 115 -40.18 3.63 0.09
C ASN A 115 -40.67 3.66 1.58
N VAL A 116 -41.74 4.41 1.83
CA VAL A 116 -42.33 4.53 3.13
C VAL A 116 -43.77 4.03 3.11
N LYS A 117 -44.07 3.05 3.94
CA LYS A 117 -45.41 2.56 4.09
C LYS A 117 -45.87 2.81 5.53
N ILE A 118 -46.96 3.51 5.68
CA ILE A 118 -47.57 3.76 7.01
C ILE A 118 -48.87 2.97 7.04
N SER A 119 -48.96 2.13 8.10
CA SER A 119 -50.14 1.35 8.35
C SER A 119 -50.78 1.90 9.62
N TYR A 120 -52.08 2.19 9.58
CA TYR A 120 -52.68 2.96 10.63
C TYR A 120 -54.19 2.61 10.77
N ASP A 121 -54.72 2.91 11.93
CA ASP A 121 -56.16 2.92 12.18
C ASP A 121 -56.48 3.91 13.28
N HIS A 122 -57.72 4.36 13.37
CA HIS A 122 -58.15 5.38 14.34
C HIS A 122 -59.24 4.87 15.24
N VAL A 130 -55.56 13.23 13.41
CA VAL A 130 -54.19 13.08 12.98
C VAL A 130 -54.05 12.19 11.76
N THR A 131 -53.60 12.73 10.67
CA THR A 131 -53.73 12.04 9.39
C THR A 131 -52.41 11.57 8.84
N PRO A 132 -52.36 10.50 8.06
CA PRO A 132 -51.08 10.07 7.47
C PRO A 132 -50.54 11.05 6.48
N THR A 133 -51.38 11.89 5.87
CA THR A 133 -50.80 12.97 5.06
C THR A 133 -49.88 13.83 5.85
N LYS A 134 -50.25 14.15 7.09
CA LYS A 134 -49.41 14.96 7.94
C LYS A 134 -48.29 14.16 8.53
N THR A 135 -48.54 12.95 9.07
CA THR A 135 -47.48 12.20 9.73
C THR A 135 -46.40 11.80 8.74
N SER A 136 -46.78 11.53 7.50
CA SER A 136 -45.79 11.17 6.49
C SER A 136 -44.87 12.35 6.23
N GLN A 137 -45.33 13.58 6.31
CA GLN A 137 -44.46 14.73 6.06
C GLN A 137 -43.36 14.79 7.10
N SER A 138 -43.74 14.47 8.35
CA SER A 138 -42.72 14.40 9.41
C SER A 138 -41.71 13.31 9.15
N THR A 139 -42.15 12.14 8.69
CA THR A 139 -41.25 11.05 8.40
C THR A 139 -40.32 11.39 7.23
N LEU A 140 -40.87 11.98 6.17
CA LEU A 140 -40.04 12.39 5.06
C LEU A 140 -39.04 13.43 5.47
N MET A 141 -39.42 14.37 6.32
CA MET A 141 -38.48 15.37 6.79
C MET A 141 -37.31 14.71 7.53
N TYR A 142 -37.59 13.71 8.38
CA TYR A 142 -36.56 12.97 9.07
C TYR A 142 -35.57 12.34 8.06
N LEU A 143 -36.16 11.69 7.01
CA LEU A 143 -35.28 11.04 6.03
C LEU A 143 -34.38 12.06 5.35
N ARG A 144 -34.90 13.20 4.95
CA ARG A 144 -34.08 14.22 4.28
C ARG A 144 -33.03 14.74 5.26
N ARG A 145 -33.34 14.80 6.55
CA ARG A 145 -32.35 15.20 7.55
C ARG A 145 -31.24 14.21 7.71
N LEU A 146 -31.57 12.92 7.64
CA LEU A 146 -30.49 11.90 7.59
C LEU A 146 -29.59 12.13 6.38
N GLU A 147 -30.16 12.46 5.19
CA GLU A 147 -29.34 12.76 4.02
C GLU A 147 -28.39 13.89 4.33
N ARG A 148 -28.87 14.98 4.95
N ARG A 148 -28.88 14.95 4.96
CA ARG A 148 -27.92 16.08 5.20
CA ARG A 148 -28.13 16.12 5.32
C ARG A 148 -26.90 15.71 6.28
C ARG A 148 -27.01 15.82 6.34
N TYR A 149 -27.31 14.96 7.32
CA TYR A 149 -26.35 14.51 8.31
C TYR A 149 -25.21 13.76 7.66
N LEU A 150 -25.53 12.91 6.71
CA LEU A 150 -24.56 12.07 6.04
C LEU A 150 -23.74 12.83 4.98
N SER A 151 -24.22 13.94 4.51
CA SER A 151 -23.57 14.73 3.46
C SER A 151 -22.70 15.81 4.07
N MET B 1 9.92 -7.00 17.12
CA MET B 1 9.13 -7.35 18.29
C MET B 1 8.03 -6.35 18.57
N VAL B 2 6.89 -6.89 19.06
CA VAL B 2 5.78 -5.94 19.27
C VAL B 2 6.01 -5.09 20.52
N LYS B 3 5.83 -3.79 20.34
CA LYS B 3 5.98 -2.78 21.35
C LYS B 3 4.63 -2.17 21.71
N GLU B 4 4.60 -1.45 22.83
CA GLU B 4 3.40 -0.78 23.23
C GLU B 4 3.63 0.72 23.48
N PHE B 5 2.56 1.45 23.25
CA PHE B 5 2.40 2.85 23.58
C PHE B 5 1.04 2.98 24.32
N ASN B 6 1.06 3.45 25.56
CA ASN B 6 -0.15 3.56 26.32
C ASN B 6 -0.41 5.03 26.68
N THR B 7 -1.67 5.37 26.60
CA THR B 7 -2.07 6.75 27.02
C THR B 7 -3.47 6.67 27.55
N GLN B 8 -3.96 7.79 28.07
CA GLN B 8 -5.34 7.79 28.59
C GLN B 8 -5.89 9.20 28.53
N THR B 9 -7.23 9.26 28.61
CA THR B 9 -7.92 10.57 28.64
C THR B 9 -9.20 10.35 29.43
N GLU B 10 -9.56 11.30 30.25
CA GLU B 10 -10.81 11.35 30.95
C GLU B 10 -11.79 12.19 30.12
N LEU B 11 -12.92 11.65 29.73
CA LEU B 11 -13.96 12.31 28.95
C LEU B 11 -15.23 12.56 29.78
N SER B 12 -15.82 13.73 29.54
CA SER B 12 -17.03 14.12 30.30
C SER B 12 -18.27 13.57 29.62
N VAL B 13 -18.36 12.27 29.58
CA VAL B 13 -19.46 11.54 28.97
C VAL B 13 -19.78 10.33 29.90
N ARG B 14 -20.99 9.93 30.04
CA ARG B 14 -21.35 8.71 30.78
C ARG B 14 -20.83 7.48 30.05
N LEU B 15 -20.41 6.48 30.82
CA LEU B 15 -19.80 5.28 30.29
C LEU B 15 -20.69 4.59 29.30
N GLU B 16 -21.94 4.40 29.64
CA GLU B 16 -22.86 3.66 28.79
C GLU B 16 -22.97 4.28 27.43
N ALA B 17 -23.11 5.59 27.36
CA ALA B 17 -23.28 6.27 26.08
C ALA B 17 -22.01 6.23 25.28
N LEU B 18 -20.87 6.55 25.89
CA LEU B 18 -19.60 6.52 25.18
C LEU B 18 -19.28 5.13 24.66
N TRP B 19 -19.45 4.12 25.51
CA TRP B 19 -19.20 2.73 25.09
C TRP B 19 -20.09 2.33 23.91
N ALA B 20 -21.34 2.68 24.00
CA ALA B 20 -22.25 2.26 22.88
C ALA B 20 -21.82 2.90 21.60
N VAL B 21 -21.50 4.18 21.64
CA VAL B 21 -21.13 4.89 20.43
C VAL B 21 -19.80 4.40 19.85
N LEU B 22 -18.80 4.24 20.73
CA LEU B 22 -17.50 3.77 20.34
C LEU B 22 -17.52 2.35 19.78
N SER B 23 -18.30 1.48 20.41
CA SER B 23 -18.29 0.05 20.12
C SER B 23 -19.31 -0.35 19.07
N LYS B 24 -20.32 0.40 18.80
CA LYS B 24 -21.45 0.00 17.98
C LYS B 24 -21.82 0.94 16.86
N ASP B 25 -21.65 2.25 17.00
CA ASP B 25 -22.26 3.23 16.11
C ASP B 25 -21.26 3.87 15.16
N PHE B 26 -20.05 3.29 15.09
CA PHE B 26 -18.95 3.91 14.38
C PHE B 26 -19.14 4.03 12.91
N ILE B 27 -19.92 3.24 12.21
CA ILE B 27 -20.06 3.44 10.76
C ILE B 27 -20.57 4.80 10.46
N THR B 28 -21.52 5.26 11.26
CA THR B 28 -22.13 6.57 11.05
C THR B 28 -21.41 7.67 11.78
N VAL B 29 -20.95 7.43 13.00
CA VAL B 29 -20.41 8.45 13.83
C VAL B 29 -18.96 8.83 13.41
N VAL B 30 -18.13 7.90 13.00
CA VAL B 30 -16.74 8.31 12.68
C VAL B 30 -16.66 9.32 11.58
N PRO B 31 -17.36 9.18 10.42
CA PRO B 31 -17.30 10.26 9.42
C PRO B 31 -17.90 11.56 9.89
N LYS B 32 -18.86 11.48 10.81
CA LYS B 32 -19.47 12.70 11.30
C LYS B 32 -18.52 13.53 12.18
N VAL B 33 -17.75 12.82 13.02
CA VAL B 33 -16.89 13.54 13.95
C VAL B 33 -15.48 13.75 13.43
N LEU B 34 -15.06 13.08 12.37
CA LEU B 34 -13.80 13.33 11.69
C LEU B 34 -14.09 13.76 10.26
N PRO B 35 -14.86 14.78 10.01
CA PRO B 35 -15.36 15.05 8.66
C PRO B 35 -14.31 15.53 7.67
N HIS B 36 -13.15 15.98 8.14
CA HIS B 36 -12.09 16.38 7.22
C HIS B 36 -11.08 15.24 7.00
N ILE B 37 -11.29 14.10 7.57
CA ILE B 37 -10.40 12.94 7.47
C ILE B 37 -11.11 11.73 6.85
N VAL B 38 -12.22 11.31 7.43
CA VAL B 38 -12.89 10.06 7.03
C VAL B 38 -14.10 10.41 6.16
N LYS B 39 -14.09 9.88 4.93
CA LYS B 39 -15.17 10.01 4.01
C LYS B 39 -16.33 9.06 4.37
N ASP B 40 -16.05 7.81 4.60
CA ASP B 40 -17.05 6.77 4.85
C ASP B 40 -16.41 5.55 5.48
N VAL B 41 -17.22 4.69 6.03
CA VAL B 41 -16.80 3.42 6.58
C VAL B 41 -17.59 2.30 5.91
N GLN B 42 -16.91 1.40 5.25
CA GLN B 42 -17.56 0.26 4.58
C GLN B 42 -17.46 -0.96 5.49
N LEU B 43 -18.56 -1.67 5.58
CA LEU B 43 -18.65 -2.90 6.32
C LEU B 43 -18.37 -4.02 5.33
N ILE B 44 -17.26 -4.69 5.49
CA ILE B 44 -16.84 -5.73 4.56
C ILE B 44 -17.30 -7.11 4.98
N GLU B 45 -17.15 -7.50 6.22
CA GLU B 45 -17.47 -8.79 6.76
C GLU B 45 -17.99 -8.57 8.20
N GLY B 46 -18.91 -9.38 8.62
CA GLY B 46 -19.41 -9.40 9.99
C GLY B 46 -20.57 -8.47 10.21
N ASP B 47 -20.97 -8.39 11.50
CA ASP B 47 -22.12 -7.57 11.87
C ASP B 47 -21.83 -6.79 13.14
N GLY B 48 -20.58 -6.52 13.47
CA GLY B 48 -20.26 -5.66 14.58
C GLY B 48 -19.47 -6.27 15.66
N GLY B 49 -19.32 -7.56 15.73
CA GLY B 49 -18.52 -8.11 16.85
C GLY B 49 -17.15 -8.52 16.36
N VAL B 50 -16.49 -9.35 17.15
CA VAL B 50 -15.20 -9.83 16.78
C VAL B 50 -15.29 -10.45 15.37
N GLY B 51 -14.30 -10.12 14.58
CA GLY B 51 -14.13 -10.61 13.21
C GLY B 51 -14.72 -9.66 12.16
N THR B 52 -15.39 -8.61 12.58
CA THR B 52 -15.87 -7.59 11.67
C THR B 52 -14.70 -6.89 10.98
N ILE B 53 -14.79 -6.75 9.68
CA ILE B 53 -13.82 -6.05 8.86
C ILE B 53 -14.45 -4.80 8.28
N LEU B 54 -13.72 -3.70 8.44
CA LEU B 54 -14.09 -2.37 8.03
C LEU B 54 -13.06 -1.77 7.05
N ILE B 55 -13.52 -0.96 6.13
CA ILE B 55 -12.64 -0.06 5.40
C ILE B 55 -13.00 1.38 5.75
N PHE B 56 -12.07 2.14 6.25
CA PHE B 56 -12.19 3.56 6.44
C PHE B 56 -11.61 4.24 5.17
N ASN B 57 -12.45 4.80 4.38
CA ASN B 57 -12.00 5.59 3.21
C ASN B 57 -11.77 7.02 3.68
N PHE B 58 -10.61 7.56 3.37
CA PHE B 58 -10.24 8.91 3.75
C PHE B 58 -10.56 9.91 2.63
N LEU B 59 -10.60 11.16 2.95
CA LEU B 59 -10.85 12.23 1.97
C LEU B 59 -9.71 12.29 0.98
N PRO B 60 -9.98 12.82 -0.21
CA PRO B 60 -9.02 12.65 -1.31
C PRO B 60 -7.68 13.31 -1.07
N GLU B 61 -7.55 14.33 -0.22
CA GLU B 61 -6.23 14.90 0.06
C GLU B 61 -5.41 14.03 0.98
N VAL B 62 -5.93 12.97 1.57
CA VAL B 62 -5.24 12.11 2.50
C VAL B 62 -4.62 10.93 1.75
N SER B 63 -3.33 10.63 2.01
CA SER B 63 -2.61 9.50 1.39
C SER B 63 -1.78 8.79 2.43
N PRO B 64 -1.84 7.51 2.64
CA PRO B 64 -2.72 6.55 2.03
C PRO B 64 -4.21 6.89 2.17
N SER B 65 -5.04 6.50 1.20
CA SER B 65 -6.41 6.92 1.10
C SER B 65 -7.39 6.02 1.87
N TYR B 66 -6.97 4.96 2.49
CA TYR B 66 -7.89 4.09 3.24
C TYR B 66 -7.07 3.32 4.26
N GLN B 67 -7.79 2.70 5.18
CA GLN B 67 -7.25 1.81 6.14
C GLN B 67 -8.29 0.67 6.39
N ARG B 68 -7.88 -0.57 6.24
CA ARG B 68 -8.69 -1.72 6.49
C ARG B 68 -8.39 -2.22 7.92
N GLU B 69 -9.43 -2.39 8.73
CA GLU B 69 -9.28 -2.80 10.15
C GLU B 69 -10.22 -3.98 10.45
N GLU B 70 -9.84 -4.76 11.46
CA GLU B 70 -10.62 -5.86 11.96
C GLU B 70 -10.84 -5.69 13.45
N ILE B 71 -12.07 -5.95 13.89
CA ILE B 71 -12.35 -5.97 15.32
C ILE B 71 -11.83 -7.31 15.84
N THR B 72 -10.76 -7.25 16.62
CA THR B 72 -10.15 -8.42 17.15
C THR B 72 -10.50 -8.75 18.59
N GLU B 73 -10.95 -7.79 19.35
CA GLU B 73 -11.37 -8.01 20.74
C GLU B 73 -12.63 -7.20 20.96
N PHE B 74 -13.55 -7.78 21.71
CA PHE B 74 -14.80 -7.09 22.03
C PHE B 74 -15.35 -7.70 23.32
N ASP B 75 -15.32 -6.93 24.39
CA ASP B 75 -15.77 -7.46 25.72
C ASP B 75 -16.76 -6.48 26.30
N GLU B 76 -18.04 -6.82 26.25
CA GLU B 76 -19.07 -5.95 26.84
C GLU B 76 -18.88 -5.76 28.32
N SER B 77 -18.51 -6.81 29.00
CA SER B 77 -18.44 -6.76 30.45
C SER B 77 -17.38 -5.78 30.91
N SER B 78 -16.28 -5.75 30.21
CA SER B 78 -15.18 -4.88 30.65
C SER B 78 -15.09 -3.63 29.77
N HIS B 79 -15.95 -3.45 28.81
CA HIS B 79 -15.97 -2.28 27.95
C HIS B 79 -14.60 -2.08 27.26
N GLU B 80 -14.20 -3.17 26.63
CA GLU B 80 -12.97 -3.20 25.86
C GLU B 80 -13.21 -3.54 24.40
N ILE B 81 -12.62 -2.79 23.50
CA ILE B 81 -12.68 -3.10 22.07
C ILE B 81 -11.32 -2.90 21.46
N GLY B 82 -10.89 -3.82 20.62
CA GLY B 82 -9.62 -3.73 19.99
C GLY B 82 -9.79 -3.84 18.47
N LEU B 83 -9.11 -3.00 17.77
CA LEU B 83 -9.13 -2.94 16.32
C LEU B 83 -7.69 -3.09 15.76
N GLN B 84 -7.51 -4.00 14.85
CA GLN B 84 -6.23 -4.23 14.23
C GLN B 84 -6.24 -3.71 12.80
N VAL B 85 -5.18 -2.99 12.43
CA VAL B 85 -5.01 -2.61 11.04
C VAL B 85 -4.48 -3.83 10.30
N ILE B 86 -5.21 -4.19 9.21
CA ILE B 86 -4.81 -5.34 8.47
C ILE B 86 -4.33 -5.04 7.05
N GLU B 87 -4.61 -3.88 6.52
CA GLU B 87 -4.14 -3.51 5.18
C GLU B 87 -4.25 -2.00 5.02
N GLY B 88 -3.34 -1.39 4.27
CA GLY B 88 -3.38 0.02 4.01
C GLY B 88 -3.05 0.84 5.24
N GLY B 89 -3.35 2.13 5.20
CA GLY B 89 -3.18 3.01 6.30
C GLY B 89 -1.75 2.91 6.84
N TYR B 90 -1.60 2.71 8.15
CA TYR B 90 -0.31 2.64 8.77
C TYR B 90 0.55 1.48 8.26
N LEU B 91 -0.10 0.38 7.84
CA LEU B 91 0.58 -0.78 7.30
C LEU B 91 0.99 -0.55 5.86
N SER B 92 0.80 0.65 5.31
CA SER B 92 1.40 1.15 4.09
C SER B 92 2.36 2.31 4.36
N GLN B 93 2.67 2.56 5.62
CA GLN B 93 3.56 3.66 6.02
C GLN B 93 4.72 3.16 6.88
N GLY B 94 5.03 1.86 6.84
CA GLY B 94 6.21 1.28 7.47
C GLY B 94 5.93 0.46 8.67
N LEU B 95 4.69 0.44 9.17
CA LEU B 95 4.33 -0.48 10.27
C LEU B 95 4.13 -1.89 9.68
N SER B 96 4.60 -2.91 10.41
CA SER B 96 4.32 -4.29 10.10
C SER B 96 3.16 -4.86 10.93
N TYR B 97 2.83 -4.17 12.04
CA TYR B 97 1.77 -4.59 12.97
C TYR B 97 1.20 -3.32 13.62
N TYR B 98 -0.08 -3.22 13.78
CA TYR B 98 -0.69 -2.10 14.48
C TYR B 98 -2.08 -2.47 14.99
N LYS B 99 -2.25 -2.31 16.32
CA LYS B 99 -3.52 -2.57 16.95
C LYS B 99 -3.78 -1.49 18.00
N THR B 100 -5.02 -1.09 18.05
CA THR B 100 -5.51 -0.08 19.04
C THR B 100 -6.55 -0.74 19.94
N THR B 101 -6.35 -0.71 21.25
CA THR B 101 -7.28 -1.24 22.18
C THR B 101 -7.76 -0.10 23.11
N PHE B 102 -9.06 0.01 23.16
CA PHE B 102 -9.74 0.98 24.03
C PHE B 102 -10.36 0.22 25.22
N LYS B 103 -10.11 0.72 26.42
CA LYS B 103 -10.73 0.19 27.60
C LYS B 103 -11.37 1.31 28.38
N LEU B 104 -12.66 1.19 28.69
CA LEU B 104 -13.38 2.27 29.33
C LEU B 104 -13.75 1.91 30.76
N SER B 105 -13.68 2.94 31.65
CA SER B 105 -14.14 2.65 33.00
C SER B 105 -14.78 3.89 33.59
N GLU B 106 -15.72 3.64 34.48
CA GLU B 106 -16.43 4.76 35.11
C GLU B 106 -15.61 5.43 36.18
N ILE B 107 -15.49 6.74 36.09
CA ILE B 107 -14.83 7.48 37.14
C ILE B 107 -15.88 8.18 38.02
N GLU B 108 -16.81 8.84 37.33
CA GLU B 108 -17.99 9.40 38.04
C GLU B 108 -19.20 9.16 37.19
N GLU B 109 -20.35 9.73 37.48
CA GLU B 109 -21.55 9.51 36.66
C GLU B 109 -21.35 9.91 35.23
N ASP B 110 -20.82 11.12 35.11
CA ASP B 110 -20.58 11.71 33.79
C ASP B 110 -19.11 11.88 33.51
N LYS B 111 -18.30 10.96 33.99
CA LYS B 111 -16.89 10.97 33.59
C LYS B 111 -16.42 9.56 33.38
N THR B 112 -15.72 9.31 32.29
CA THR B 112 -15.23 8.02 31.86
C THR B 112 -13.76 8.13 31.48
N LEU B 113 -13.01 7.21 32.03
CA LEU B 113 -11.61 7.08 31.70
C LEU B 113 -11.48 6.17 30.49
N VAL B 114 -10.78 6.64 29.47
CA VAL B 114 -10.46 5.80 28.33
C VAL B 114 -8.92 5.52 28.35
N ASN B 115 -8.59 4.27 28.55
CA ASN B 115 -7.23 3.75 28.43
C ASN B 115 -7.04 3.29 26.96
N VAL B 116 -5.95 3.76 26.37
CA VAL B 116 -5.61 3.39 24.99
C VAL B 116 -4.27 2.68 24.99
N LYS B 117 -4.25 1.49 24.44
CA LYS B 117 -3.06 0.68 24.29
C LYS B 117 -2.84 0.51 22.75
N ILE B 118 -1.72 0.98 22.30
CA ILE B 118 -1.30 0.79 20.89
C ILE B 118 -0.18 -0.24 20.91
N SER B 119 -0.41 -1.32 20.18
CA SER B 119 0.58 -2.40 20.01
C SER B 119 1.08 -2.30 18.61
N TYR B 120 2.39 -2.25 18.37
CA TYR B 120 2.91 -1.96 17.04
C TYR B 120 4.30 -2.56 16.86
N ASP B 121 4.66 -2.66 15.58
CA ASP B 121 6.05 -2.97 15.21
C ASP B 121 6.31 -2.36 13.83
N HIS B 122 7.52 -2.03 13.53
CA HIS B 122 7.96 -1.46 12.28
C HIS B 122 8.73 -2.52 11.42
N ASP B 123 8.58 -2.34 10.14
CA ASP B 123 9.35 -3.15 9.19
C ASP B 123 10.69 -2.48 8.93
N SER B 124 11.77 -3.16 9.25
CA SER B 124 13.12 -2.68 9.07
C SER B 124 13.51 -2.39 7.64
N ASP B 125 12.80 -2.95 6.65
CA ASP B 125 13.16 -2.75 5.23
C ASP B 125 12.45 -1.55 4.62
N ILE B 126 11.46 -1.00 5.29
CA ILE B 126 10.75 0.16 4.80
C ILE B 126 11.34 1.42 5.39
N GLU B 127 11.64 2.41 4.59
CA GLU B 127 12.28 3.66 5.13
C GLU B 127 11.37 4.52 5.94
N GLU B 128 10.14 4.79 5.50
CA GLU B 128 9.15 5.58 6.23
C GLU B 128 8.93 5.00 7.61
N LYS B 129 8.78 5.82 8.61
CA LYS B 129 8.65 5.29 9.98
C LYS B 129 7.75 6.23 10.78
N VAL B 130 6.49 5.91 10.75
CA VAL B 130 5.46 6.68 11.48
C VAL B 130 5.47 6.25 12.92
N THR B 131 5.57 7.20 13.86
CA THR B 131 5.74 6.88 15.23
C THR B 131 4.43 6.81 16.02
N PRO B 132 4.41 6.03 17.11
CA PRO B 132 3.16 6.07 17.95
C PRO B 132 2.95 7.35 18.65
N THR B 133 3.95 8.19 18.87
CA THR B 133 3.69 9.51 19.37
C THR B 133 2.76 10.25 18.41
N LYS B 134 2.97 10.12 17.12
CA LYS B 134 2.11 10.78 16.10
C LYS B 134 0.78 10.07 16.03
N THR B 135 0.75 8.75 15.92
CA THR B 135 -0.52 8.06 15.69
C THR B 135 -1.43 8.18 16.92
N SER B 136 -0.87 8.18 18.07
CA SER B 136 -1.66 8.34 19.31
C SER B 136 -2.38 9.67 19.29
N GLN B 137 -1.82 10.70 18.72
CA GLN B 137 -2.48 11.99 18.64
C GLN B 137 -3.75 11.93 17.81
N SER B 138 -3.74 11.15 16.73
CA SER B 138 -4.94 10.93 15.94
C SER B 138 -6.02 10.20 16.75
N THR B 139 -5.64 9.21 17.53
CA THR B 139 -6.58 8.45 18.33
C THR B 139 -7.18 9.35 19.42
N LEU B 140 -6.35 10.15 20.10
CA LEU B 140 -6.84 11.06 21.13
C LEU B 140 -7.74 12.12 20.52
N MET B 141 -7.46 12.56 19.30
CA MET B 141 -8.31 13.51 18.61
C MET B 141 -9.69 12.87 18.40
N TYR B 142 -9.75 11.67 17.90
CA TYR B 142 -11.03 10.96 17.76
C TYR B 142 -11.82 10.96 19.05
N LEU B 143 -11.13 10.56 20.16
CA LEU B 143 -11.84 10.52 21.42
C LEU B 143 -12.33 11.87 21.87
N ARG B 144 -11.57 12.92 21.69
CA ARG B 144 -11.99 14.28 22.04
C ARG B 144 -13.20 14.66 21.18
N ARG B 145 -13.24 14.30 19.92
CA ARG B 145 -14.34 14.61 19.04
C ARG B 145 -15.58 13.82 19.42
N LEU B 146 -15.45 12.57 19.87
CA LEU B 146 -16.57 11.85 20.45
C LEU B 146 -17.14 12.58 21.68
N GLU B 147 -16.24 13.03 22.54
CA GLU B 147 -16.67 13.76 23.75
C GLU B 147 -17.53 14.94 23.36
N ARG B 148 -17.04 15.71 22.38
CA ARG B 148 -17.78 16.88 21.95
C ARG B 148 -19.13 16.49 21.38
N TYR B 149 -19.19 15.51 20.53
CA TYR B 149 -20.40 15.01 19.90
C TYR B 149 -21.44 14.58 20.92
N LEU B 150 -21.00 13.95 22.01
CA LEU B 150 -21.90 13.41 23.02
C LEU B 150 -22.16 14.41 24.15
N SER B 151 -21.59 15.59 24.09
CA SER B 151 -21.85 16.63 25.08
C SER B 151 -23.01 17.51 24.61
N ASN B 152 -22.95 17.91 23.34
CA ASN B 152 -24.03 18.69 22.72
C ASN B 152 -23.84 18.76 21.20
N GLY B 153 -22.67 18.34 20.73
CA GLY B 153 -22.37 18.37 19.31
C GLY B 153 -21.08 19.12 19.02
N MET C 1 -13.18 -9.23 -11.17
CA MET C 1 -12.30 -10.23 -11.77
C MET C 1 -11.05 -9.58 -12.36
N VAL C 2 -10.00 -10.37 -12.47
CA VAL C 2 -8.78 -9.84 -13.08
C VAL C 2 -8.97 -9.52 -14.56
N LYS C 3 -8.47 -8.37 -14.94
CA LYS C 3 -8.48 -7.79 -16.24
C LYS C 3 -7.05 -7.60 -16.73
N GLU C 4 -6.96 -7.42 -18.03
CA GLU C 4 -5.64 -7.20 -18.67
C GLU C 4 -5.63 -5.92 -19.45
N PHE C 5 -4.55 -5.20 -19.43
CA PHE C 5 -4.25 -4.04 -20.23
C PHE C 5 -2.90 -4.35 -20.96
N ASN C 6 -2.89 -4.19 -22.26
CA ASN C 6 -1.71 -4.53 -23.05
C ASN C 6 -1.27 -3.28 -23.85
N THR C 7 0.06 -3.04 -23.82
CA THR C 7 0.66 -2.00 -24.64
C THR C 7 2.11 -2.45 -24.96
N GLN C 8 2.90 -1.56 -25.55
CA GLN C 8 4.26 -1.91 -25.95
C GLN C 8 5.02 -0.63 -26.26
N THR C 9 6.31 -0.79 -26.39
CA THR C 9 7.19 0.24 -26.91
C THR C 9 8.39 -0.46 -27.57
N GLU C 10 9.00 0.23 -28.51
CA GLU C 10 10.23 -0.25 -29.13
C GLU C 10 11.38 0.61 -28.63
N LEU C 11 12.44 0.01 -28.15
CA LEU C 11 13.60 0.67 -27.62
C LEU C 11 14.82 0.38 -28.47
N SER C 12 15.60 1.41 -28.73
CA SER C 12 16.82 1.30 -29.51
C SER C 12 17.97 0.82 -28.63
N VAL C 13 17.79 -0.34 -28.06
CA VAL C 13 18.79 -1.04 -27.22
C VAL C 13 18.82 -2.50 -27.65
N ARG C 14 19.96 -3.08 -27.66
CA ARG C 14 20.13 -4.51 -27.89
C ARG C 14 19.36 -5.33 -26.87
N LEU C 15 18.72 -6.41 -27.42
CA LEU C 15 17.91 -7.24 -26.52
C LEU C 15 18.70 -7.68 -25.30
N GLU C 16 19.90 -8.15 -25.39
CA GLU C 16 20.59 -8.80 -24.27
C GLU C 16 20.90 -7.77 -23.19
N ALA C 17 21.20 -6.55 -23.62
CA ALA C 17 21.48 -5.47 -22.69
C ALA C 17 20.20 -5.07 -21.94
N LEU C 18 19.12 -4.97 -22.67
CA LEU C 18 17.81 -4.67 -22.02
C LEU C 18 17.42 -5.78 -21.06
N TRP C 19 17.60 -7.04 -21.45
CA TRP C 19 17.27 -8.14 -20.57
C TRP C 19 18.14 -8.07 -19.32
N ALA C 20 19.42 -7.77 -19.43
CA ALA C 20 20.26 -7.69 -18.23
C ALA C 20 19.69 -6.72 -17.25
N VAL C 21 19.28 -5.52 -17.73
CA VAL C 21 18.81 -4.54 -16.73
CA VAL C 21 18.78 -4.53 -16.81
C VAL C 21 17.43 -4.93 -16.24
N LEU C 22 16.51 -5.40 -17.10
CA LEU C 22 15.16 -5.68 -16.58
C LEU C 22 15.07 -6.90 -15.76
N SER C 23 15.92 -7.89 -15.96
CA SER C 23 15.83 -9.13 -15.24
C SER C 23 16.74 -9.21 -14.07
N LYS C 24 17.72 -8.33 -13.89
N LYS C 24 17.81 -8.41 -14.02
CA LYS C 24 18.61 -8.40 -12.73
CA LYS C 24 18.79 -8.67 -13.00
C LYS C 24 19.19 -7.12 -12.25
C LYS C 24 19.69 -7.54 -12.58
N ASP C 25 19.79 -6.38 -13.23
N ASP C 25 19.79 -6.42 -13.23
CA ASP C 25 20.62 -5.27 -12.81
C ASP C 25 19.78 -4.12 -12.26
N PHE C 26 18.46 -4.23 -12.29
CA PHE C 26 17.59 -3.14 -11.89
C PHE C 26 17.78 -2.76 -10.43
N ILE C 27 18.25 -3.68 -9.59
CA ILE C 27 18.34 -3.40 -8.16
C ILE C 27 19.28 -2.24 -8.00
N THR C 28 20.42 -2.27 -8.69
CA THR C 28 21.27 -1.14 -8.68
C THR C 28 20.81 0.01 -9.55
N VAL C 29 20.30 -0.28 -10.75
CA VAL C 29 20.09 0.75 -11.74
C VAL C 29 18.80 1.51 -11.62
N VAL C 30 17.69 0.96 -11.11
CA VAL C 30 16.44 1.77 -11.07
C VAL C 30 16.63 3.07 -10.31
N PRO C 31 17.26 3.12 -9.14
CA PRO C 31 17.46 4.41 -8.49
C PRO C 31 18.31 5.40 -9.29
N LYS C 32 19.18 4.91 -10.19
CA LYS C 32 20.02 5.77 -11.00
C LYS C 32 19.22 6.33 -12.18
N VAL C 33 18.25 5.61 -12.68
CA VAL C 33 17.43 6.00 -13.80
C VAL C 33 16.32 6.95 -13.30
N LEU C 34 15.77 6.70 -12.12
CA LEU C 34 14.66 7.43 -11.55
C LEU C 34 15.02 7.99 -10.16
N PRO C 35 16.07 8.81 -10.09
CA PRO C 35 16.54 9.23 -8.74
C PRO C 35 15.56 10.18 -8.06
N HIS C 36 14.62 10.74 -8.83
CA HIS C 36 13.58 11.61 -8.28
C HIS C 36 12.36 10.84 -7.81
N ILE C 37 12.34 9.53 -7.95
CA ILE C 37 11.21 8.70 -7.55
C ILE C 37 11.63 7.58 -6.62
N VAL C 38 12.66 6.84 -6.96
CA VAL C 38 13.03 5.64 -6.25
C VAL C 38 14.29 5.94 -5.42
N LYS C 39 14.18 5.82 -4.12
CA LYS C 39 15.31 6.02 -3.20
C LYS C 39 16.21 4.79 -3.19
N ASP C 40 15.65 3.60 -3.09
CA ASP C 40 16.44 2.39 -3.04
C ASP C 40 15.58 1.18 -3.40
N VAL C 41 16.22 0.10 -3.79
CA VAL C 41 15.68 -1.17 -4.03
C VAL C 41 16.44 -2.21 -3.20
N GLN C 42 15.74 -3.08 -2.54
CA GLN C 42 16.37 -4.12 -1.72
C GLN C 42 15.78 -5.47 -2.06
N LEU C 43 16.63 -6.47 -2.17
CA LEU C 43 16.20 -7.88 -2.26
C LEU C 43 15.98 -8.35 -0.81
N ILE C 44 14.78 -8.77 -0.49
CA ILE C 44 14.32 -9.22 0.82
C ILE C 44 14.40 -10.71 0.97
N GLU C 45 14.03 -11.47 -0.05
CA GLU C 45 13.94 -12.93 -0.03
C GLU C 45 14.27 -13.45 -1.45
N GLY C 46 14.74 -14.66 -1.53
CA GLY C 46 14.89 -15.35 -2.79
C GLY C 46 16.23 -15.17 -3.45
N ASP C 47 16.38 -15.77 -4.64
CA ASP C 47 17.64 -15.96 -5.29
C ASP C 47 17.82 -15.10 -6.55
N GLY C 48 16.89 -14.21 -6.82
CA GLY C 48 16.90 -13.35 -8.02
C GLY C 48 15.98 -13.88 -9.09
N GLY C 49 15.50 -15.10 -9.01
CA GLY C 49 14.52 -15.64 -9.97
C GLY C 49 13.13 -15.63 -9.42
N VAL C 50 12.30 -16.56 -9.91
CA VAL C 50 10.94 -16.67 -9.43
C VAL C 50 10.94 -16.82 -7.89
N GLY C 51 10.00 -16.10 -7.29
CA GLY C 51 9.83 -16.11 -5.85
C GLY C 51 10.63 -15.08 -5.12
N THR C 52 11.46 -14.33 -5.80
CA THR C 52 12.22 -13.21 -5.19
C THR C 52 11.26 -12.11 -4.73
N ILE C 53 11.52 -11.61 -3.55
CA ILE C 53 10.79 -10.47 -3.00
C ILE C 53 11.68 -9.25 -2.95
N LEU C 54 11.18 -8.16 -3.46
CA LEU C 54 11.85 -6.86 -3.56
C LEU C 54 11.05 -5.79 -2.85
N ILE C 55 11.73 -4.84 -2.26
CA ILE C 55 11.10 -3.62 -1.78
C ILE C 55 11.69 -2.46 -2.52
N PHE C 56 10.84 -1.63 -3.08
CA PHE C 56 11.17 -0.37 -3.65
C PHE C 56 10.79 0.70 -2.63
N ASN C 57 11.71 1.46 -2.12
CA ASN C 57 11.41 2.62 -1.31
C ASN C 57 11.45 3.85 -2.17
N PHE C 58 10.41 4.68 -2.09
CA PHE C 58 10.32 5.88 -2.86
C PHE C 58 10.82 7.06 -2.05
N LEU C 59 11.03 8.20 -2.71
CA LEU C 59 11.46 9.39 -1.93
C LEU C 59 10.38 9.79 -0.95
N PRO C 60 10.75 10.47 0.16
CA PRO C 60 9.75 10.76 1.22
C PRO C 60 8.56 11.57 0.74
N GLU C 61 8.71 12.30 -0.37
CA GLU C 61 7.63 13.10 -0.93
C GLU C 61 6.55 12.24 -1.55
N VAL C 62 6.85 11.02 -1.92
CA VAL C 62 6.03 10.09 -2.63
C VAL C 62 5.22 9.26 -1.65
N SER C 63 3.92 9.22 -1.91
CA SER C 63 2.99 8.48 -1.06
C SER C 63 2.05 7.68 -1.93
N PRO C 64 1.85 6.37 -1.80
CA PRO C 64 2.57 5.51 -0.85
C PRO C 64 4.07 5.49 -1.04
N SER C 65 4.78 5.31 0.07
CA SER C 65 6.23 5.51 0.04
C SER C 65 7.00 4.25 -0.33
N TYR C 66 6.37 3.12 -0.55
CA TYR C 66 7.06 1.91 -0.96
C TYR C 66 6.11 0.98 -1.68
N GLN C 67 6.72 -0.01 -2.29
N GLN C 67 6.70 -0.01 -2.34
CA GLN C 67 5.94 -1.18 -2.67
CA GLN C 67 5.99 -1.09 -3.02
C GLN C 67 6.86 -2.41 -2.51
C GLN C 67 6.77 -2.41 -2.86
N ARG C 68 6.16 -3.49 -2.28
N ARG C 68 6.20 -3.45 -2.29
CA ARG C 68 6.77 -4.78 -2.18
C ARG C 68 6.32 -5.61 -3.42
N GLU C 69 7.25 -6.27 -4.07
CA GLU C 69 6.93 -7.02 -5.29
C GLU C 69 7.54 -8.42 -5.22
N GLU C 70 6.94 -9.33 -5.94
CA GLU C 70 7.40 -10.71 -6.08
C GLU C 70 7.62 -10.97 -7.57
N ILE C 71 8.78 -11.57 -7.90
CA ILE C 71 9.01 -12.07 -9.27
C ILE C 71 8.20 -13.32 -9.46
N THR C 72 7.22 -13.31 -10.40
CA THR C 72 6.35 -14.43 -10.65
C THR C 72 6.62 -15.16 -11.96
N GLU C 73 7.38 -14.58 -12.85
CA GLU C 73 7.78 -15.20 -14.11
C GLU C 73 9.20 -14.73 -14.38
N PHE C 74 10.00 -15.66 -14.84
CA PHE C 74 11.39 -15.37 -15.19
C PHE C 74 11.82 -16.42 -16.25
N ASP C 75 11.64 -16.04 -17.51
CA ASP C 75 11.79 -17.01 -18.60
C ASP C 75 12.84 -16.49 -19.56
N GLU C 76 14.03 -17.08 -19.48
CA GLU C 76 15.12 -16.60 -20.33
C GLU C 76 14.94 -16.96 -21.78
N SER C 77 14.12 -17.97 -22.08
CA SER C 77 13.99 -18.37 -23.49
C SER C 77 13.14 -17.37 -24.24
N SER C 78 12.06 -16.89 -23.64
CA SER C 78 11.19 -15.92 -24.25
C SER C 78 11.45 -14.48 -23.80
N HIS C 79 12.40 -14.31 -22.89
CA HIS C 79 12.77 -13.05 -22.32
C HIS C 79 11.51 -12.33 -21.72
N GLU C 80 10.85 -13.08 -20.84
CA GLU C 80 9.70 -12.57 -20.08
C GLU C 80 10.01 -12.53 -18.58
N ILE C 81 9.64 -11.43 -18.00
CA ILE C 81 9.76 -11.26 -16.54
C ILE C 81 8.45 -10.63 -16.05
N GLY C 82 7.93 -11.22 -14.99
CA GLY C 82 6.65 -10.77 -14.39
C GLY C 82 6.89 -10.38 -12.93
N LEU C 83 6.38 -9.23 -12.56
CA LEU C 83 6.55 -8.66 -11.23
C LEU C 83 5.15 -8.37 -10.68
N GLN C 84 4.79 -9.03 -9.59
CA GLN C 84 3.50 -8.80 -8.93
C GLN C 84 3.68 -7.89 -7.74
N VAL C 85 2.82 -6.85 -7.65
CA VAL C 85 2.80 -6.02 -6.44
C VAL C 85 2.07 -6.80 -5.35
N ILE C 86 2.70 -7.00 -4.21
CA ILE C 86 2.08 -7.78 -3.14
C ILE C 86 1.79 -6.94 -1.88
N GLU C 87 2.27 -5.72 -1.79
CA GLU C 87 2.00 -4.85 -0.64
C GLU C 87 2.37 -3.46 -1.02
N GLY C 88 1.61 -2.44 -0.55
CA GLY C 88 1.95 -1.07 -0.82
C GLY C 88 1.65 -0.69 -2.25
N GLY C 89 2.28 0.41 -2.71
CA GLY C 89 2.12 0.83 -4.05
C GLY C 89 0.67 0.91 -4.47
N TYR C 90 0.36 0.40 -5.63
CA TYR C 90 -0.99 0.45 -6.15
C TYR C 90 -1.98 -0.38 -5.30
N LEU C 91 -1.48 -1.38 -4.58
CA LEU C 91 -2.37 -2.16 -3.70
C LEU C 91 -2.69 -1.40 -2.44
N SER C 92 -2.22 -0.20 -2.26
CA SER C 92 -2.65 0.76 -1.28
C SER C 92 -3.42 1.89 -1.87
N GLN C 93 -3.76 1.82 -3.17
CA GLN C 93 -4.49 2.84 -3.87
C GLN C 93 -5.74 2.35 -4.57
N GLY C 94 -6.25 1.18 -4.17
CA GLY C 94 -7.54 0.68 -4.63
C GLY C 94 -7.52 -0.58 -5.43
N LEU C 95 -6.28 -1.00 -5.83
CA LEU C 95 -6.13 -2.27 -6.53
C LEU C 95 -6.11 -3.42 -5.53
N SER C 96 -6.75 -4.51 -5.87
CA SER C 96 -6.66 -5.77 -5.15
C SER C 96 -5.63 -6.73 -5.76
N TYR C 97 -5.22 -6.50 -6.99
CA TYR C 97 -4.29 -7.31 -7.73
C TYR C 97 -3.59 -6.41 -8.76
N TYR C 98 -2.28 -6.58 -8.85
CA TYR C 98 -1.54 -5.84 -9.88
C TYR C 98 -0.25 -6.59 -10.23
N LYS C 99 -0.04 -6.81 -11.52
CA LYS C 99 1.18 -7.43 -12.02
C LYS C 99 1.57 -6.78 -13.33
N THR C 100 2.87 -6.62 -13.55
CA THR C 100 3.45 -6.11 -14.77
C THR C 100 4.32 -7.23 -15.37
N THR C 101 4.11 -7.56 -16.60
CA THR C 101 4.92 -8.51 -17.31
C THR C 101 5.55 -7.83 -18.55
N PHE C 102 6.86 -7.94 -18.66
CA PHE C 102 7.61 -7.46 -19.81
CA PHE C 102 7.61 -7.47 -19.81
C PHE C 102 8.02 -8.67 -20.65
N LYS C 103 7.86 -8.55 -21.96
CA LYS C 103 8.31 -9.56 -22.90
C LYS C 103 9.17 -8.85 -23.95
N LEU C 104 10.40 -9.35 -24.16
CA LEU C 104 11.33 -8.71 -25.09
C LEU C 104 11.50 -9.55 -26.34
N SER C 105 11.47 -8.92 -27.49
CA SER C 105 11.66 -9.57 -28.77
C SER C 105 12.63 -8.74 -29.63
N GLU C 106 13.62 -9.41 -30.24
CA GLU C 106 14.55 -8.72 -31.09
C GLU C 106 13.86 -8.32 -32.39
N ILE C 107 13.98 -7.06 -32.74
CA ILE C 107 13.42 -6.62 -34.03
C ILE C 107 14.55 -6.14 -34.96
N GLU C 108 15.62 -5.61 -34.49
CA GLU C 108 16.86 -5.33 -35.23
C GLU C 108 18.01 -5.68 -34.28
N GLU C 109 19.23 -5.76 -34.75
CA GLU C 109 20.38 -5.89 -33.93
C GLU C 109 20.33 -4.94 -32.71
N ASP C 110 19.96 -3.71 -32.90
CA ASP C 110 19.98 -2.70 -31.82
C ASP C 110 18.58 -2.13 -31.60
N LYS C 111 17.53 -2.94 -31.81
CA LYS C 111 16.18 -2.53 -31.48
CA LYS C 111 16.18 -2.53 -31.49
C LYS C 111 15.41 -3.72 -30.90
N THR C 112 14.69 -3.44 -29.83
CA THR C 112 13.92 -4.46 -29.10
C THR C 112 12.51 -4.00 -28.87
N LEU C 113 11.58 -4.89 -29.16
CA LEU C 113 10.21 -4.72 -28.82
C LEU C 113 10.00 -5.13 -27.36
N VAL C 114 9.32 -4.25 -26.60
CA VAL C 114 8.92 -4.58 -25.23
C VAL C 114 7.40 -4.60 -25.19
N ASN C 115 6.83 -5.77 -25.11
CA ASN C 115 5.39 -5.88 -24.84
C ASN C 115 5.19 -5.79 -23.34
N VAL C 116 4.20 -5.02 -22.93
CA VAL C 116 3.86 -4.75 -21.54
C VAL C 116 2.46 -5.25 -21.27
N LYS C 117 2.32 -6.24 -20.40
CA LYS C 117 1.02 -6.78 -20.01
C LYS C 117 0.79 -6.48 -18.55
N ILE C 118 -0.30 -5.73 -18.30
CA ILE C 118 -0.70 -5.37 -16.94
C ILE C 118 -1.96 -6.15 -16.59
N SER C 119 -1.88 -6.95 -15.55
CA SER C 119 -2.98 -7.74 -15.02
C SER C 119 -3.44 -7.09 -13.74
N TYR C 120 -4.73 -6.80 -13.58
CA TYR C 120 -5.17 -5.97 -12.49
C TYR C 120 -6.61 -6.29 -12.09
N ASP C 121 -6.92 -5.92 -10.85
CA ASP C 121 -8.31 -5.92 -10.37
C ASP C 121 -8.44 -4.87 -9.29
N HIS C 122 -9.63 -4.27 -9.19
CA HIS C 122 -9.91 -3.27 -8.20
C HIS C 122 -10.75 -3.84 -7.06
N ASP C 123 -10.53 -3.33 -5.87
CA ASP C 123 -11.34 -3.56 -4.73
C ASP C 123 -12.56 -2.59 -4.76
N SER C 124 -13.74 -3.09 -4.97
CA SER C 124 -14.87 -2.18 -5.14
C SER C 124 -15.23 -1.44 -3.87
N ASP C 125 -14.77 -1.87 -2.70
CA ASP C 125 -15.06 -1.18 -1.47
C ASP C 125 -14.18 0.05 -1.17
N ILE C 126 -13.07 0.17 -1.89
CA ILE C 126 -12.13 1.26 -1.76
C ILE C 126 -12.56 2.36 -2.72
N GLU C 127 -12.59 3.59 -2.25
CA GLU C 127 -13.02 4.73 -3.04
C GLU C 127 -12.01 5.11 -4.12
N GLU C 128 -10.76 5.25 -3.75
CA GLU C 128 -9.68 5.53 -4.71
C GLU C 128 -9.67 4.44 -5.81
N LYS C 129 -9.41 4.92 -7.03
CA LYS C 129 -9.38 4.15 -8.21
C LYS C 129 -8.23 4.63 -9.10
N VAL C 130 -7.20 3.82 -9.13
CA VAL C 130 -6.18 4.10 -10.18
C VAL C 130 -6.43 3.17 -11.37
N THR C 131 -6.25 3.75 -12.57
CA THR C 131 -6.53 3.08 -13.83
C THR C 131 -5.27 2.55 -14.48
N PRO C 132 -5.37 1.49 -15.27
CA PRO C 132 -4.16 1.00 -16.00
C PRO C 132 -3.73 1.94 -17.07
N THR C 133 -4.59 2.84 -17.56
CA THR C 133 -4.06 3.86 -18.46
C THR C 133 -2.99 4.69 -17.78
N LYS C 134 -3.26 5.08 -16.54
CA LYS C 134 -2.27 5.85 -15.77
C LYS C 134 -1.11 5.02 -15.36
N THR C 135 -1.33 3.81 -14.86
CA THR C 135 -0.18 3.01 -14.42
C THR C 135 0.73 2.63 -15.60
N SER C 136 0.13 2.32 -16.73
CA SER C 136 0.93 1.95 -17.90
C SER C 136 1.78 3.11 -18.34
N GLN C 137 1.32 4.36 -18.22
CA GLN C 137 2.12 5.50 -18.59
C GLN C 137 3.34 5.65 -17.70
N SER C 138 3.23 5.30 -16.43
CA SER C 138 4.37 5.33 -15.52
C SER C 138 5.40 4.28 -15.94
N THR C 139 4.93 3.10 -16.28
CA THR C 139 5.81 2.03 -16.71
C THR C 139 6.50 2.37 -18.01
N LEU C 140 5.77 2.97 -18.96
CA LEU C 140 6.36 3.40 -20.23
C LEU C 140 7.36 4.54 -20.00
N MET C 141 7.09 5.42 -19.08
CA MET C 141 8.04 6.47 -18.71
C MET C 141 9.35 5.84 -18.28
N TYR C 142 9.31 4.82 -17.45
CA TYR C 142 10.51 4.16 -16.98
C TYR C 142 11.28 3.58 -18.15
N LEU C 143 10.55 2.86 -19.05
CA LEU C 143 11.24 2.25 -20.19
C LEU C 143 11.87 3.27 -21.09
N ARG C 144 11.24 4.41 -21.32
CA ARG C 144 11.82 5.45 -22.18
C ARG C 144 13.02 6.12 -21.51
N ARG C 145 12.95 6.31 -20.19
CA ARG C 145 14.11 6.86 -19.46
C ARG C 145 15.24 5.86 -19.50
N LEU C 146 14.95 4.60 -19.36
CA LEU C 146 15.92 3.53 -19.39
C LEU C 146 16.61 3.44 -20.75
N GLU C 147 15.83 3.51 -21.82
CA GLU C 147 16.44 3.55 -23.18
C GLU C 147 17.47 4.61 -23.28
N ARG C 148 17.19 5.80 -22.81
CA ARG C 148 18.13 6.92 -22.89
C ARG C 148 19.36 6.68 -22.01
N TYR C 149 19.13 6.12 -20.83
CA TYR C 149 20.21 5.79 -19.90
C TYR C 149 21.19 4.82 -20.51
N LEU C 150 20.73 3.83 -21.23
CA LEU C 150 21.52 2.79 -21.81
C LEU C 150 22.15 3.18 -23.15
N SER C 151 21.68 4.22 -23.77
CA SER C 151 22.15 4.68 -25.07
C SER C 151 23.39 5.53 -24.86
N ASN C 152 24.34 5.38 -25.75
CA ASN C 152 25.54 6.11 -25.97
C ASN C 152 26.44 5.43 -27.02
N VAL D 2 54.00 -17.91 -14.14
CA VAL D 2 52.96 -17.00 -13.60
C VAL D 2 53.48 -16.33 -12.32
N LYS D 3 53.35 -15.03 -12.30
CA LYS D 3 53.76 -14.07 -11.30
C LYS D 3 52.49 -13.41 -10.72
N GLU D 4 52.63 -12.84 -9.58
CA GLU D 4 51.51 -12.18 -8.91
C GLU D 4 51.90 -10.74 -8.51
N PHE D 5 50.98 -9.85 -8.70
CA PHE D 5 51.06 -8.44 -8.26
C PHE D 5 49.86 -8.19 -7.34
N ASN D 6 50.07 -7.68 -6.17
CA ASN D 6 48.99 -7.45 -5.22
C ASN D 6 48.95 -5.97 -4.79
N THR D 7 47.74 -5.45 -4.75
CA THR D 7 47.52 -4.09 -4.19
C THR D 7 46.10 -4.03 -3.63
N GLN D 8 45.64 -2.86 -3.26
CA GLN D 8 44.34 -2.71 -2.64
C GLN D 8 43.93 -1.23 -2.66
N THR D 9 42.64 -1.05 -2.38
CA THR D 9 42.11 0.32 -2.11
C THR D 9 40.97 0.19 -1.12
N GLU D 10 40.72 1.24 -0.40
CA GLU D 10 39.56 1.33 0.49
C GLU D 10 38.53 2.28 -0.10
N LEU D 11 37.31 1.82 -0.25
CA LEU D 11 36.23 2.56 -0.81
C LEU D 11 35.17 2.93 0.23
N SER D 12 34.68 4.18 0.14
CA SER D 12 33.67 4.74 1.03
C SER D 12 32.26 4.31 0.59
N VAL D 13 32.04 3.02 0.61
CA VAL D 13 30.77 2.41 0.21
C VAL D 13 30.54 1.18 1.08
N ARG D 14 29.29 0.82 1.33
CA ARG D 14 28.97 -0.37 2.11
C ARG D 14 29.27 -1.60 1.26
N LEU D 15 29.78 -2.62 1.97
CA LEU D 15 30.19 -3.84 1.30
C LEU D 15 29.09 -4.41 0.45
N GLU D 16 27.82 -4.41 0.89
CA GLU D 16 26.81 -5.15 0.08
C GLU D 16 26.51 -4.45 -1.22
N ALA D 17 26.47 -3.12 -1.21
CA ALA D 17 26.22 -2.33 -2.43
C ALA D 17 27.33 -2.53 -3.41
N LEU D 18 28.56 -2.52 -2.86
CA LEU D 18 29.71 -2.72 -3.75
C LEU D 18 29.80 -4.14 -4.29
N TRP D 19 29.58 -5.13 -3.41
CA TRP D 19 29.63 -6.52 -3.86
C TRP D 19 28.55 -6.73 -4.94
N ALA D 20 27.38 -6.17 -4.80
CA ALA D 20 26.34 -6.24 -5.83
C ALA D 20 26.77 -5.69 -7.17
N VAL D 21 27.30 -4.50 -7.29
CA VAL D 21 27.61 -3.97 -8.60
C VAL D 21 28.76 -4.74 -9.21
N LEU D 22 29.75 -4.99 -8.33
CA LEU D 22 30.98 -5.67 -8.73
C LEU D 22 30.71 -7.10 -9.22
N SER D 23 29.93 -7.89 -8.48
CA SER D 23 29.83 -9.31 -8.75
C SER D 23 28.59 -9.67 -9.52
N LYS D 24 27.59 -8.81 -9.56
CA LYS D 24 26.32 -9.23 -10.19
C LYS D 24 25.84 -8.28 -11.23
N ASP D 25 26.01 -6.98 -11.11
CA ASP D 25 25.30 -6.00 -11.95
C ASP D 25 26.21 -5.40 -13.00
N PHE D 26 27.38 -6.02 -13.26
CA PHE D 26 28.37 -5.43 -14.14
C PHE D 26 27.96 -5.29 -15.58
N ILE D 27 26.99 -6.08 -16.11
CA ILE D 27 26.72 -5.92 -17.56
C ILE D 27 26.24 -4.53 -17.89
N THR D 28 25.38 -3.96 -17.04
CA THR D 28 24.88 -2.63 -17.25
C THR D 28 25.84 -1.55 -16.75
N VAL D 29 26.49 -1.83 -15.62
CA VAL D 29 27.23 -0.77 -14.93
C VAL D 29 28.58 -0.52 -15.58
N VAL D 30 29.29 -1.54 -16.07
CA VAL D 30 30.63 -1.32 -16.66
C VAL D 30 30.59 -0.31 -17.76
N PRO D 31 29.71 -0.36 -18.75
CA PRO D 31 29.72 0.72 -19.76
C PRO D 31 29.39 2.07 -19.20
N LYS D 32 28.62 2.15 -18.07
CA LYS D 32 28.27 3.44 -17.53
C LYS D 32 29.46 4.08 -16.83
N VAL D 33 30.34 3.23 -16.26
CA VAL D 33 31.40 3.84 -15.51
C VAL D 33 32.73 3.81 -16.25
N LEU D 34 32.88 3.07 -17.30
CA LEU D 34 34.08 3.22 -18.20
C LEU D 34 33.64 3.63 -19.60
N PRO D 35 32.91 4.71 -19.79
CA PRO D 35 32.27 4.99 -21.11
C PRO D 35 33.31 5.49 -22.10
N HIS D 36 34.50 5.76 -21.55
CA HIS D 36 35.62 6.18 -22.36
C HIS D 36 36.40 4.98 -22.89
N ILE D 37 36.09 3.76 -22.45
CA ILE D 37 36.73 2.54 -22.82
C ILE D 37 35.80 1.46 -23.33
N VAL D 38 34.76 1.16 -22.56
CA VAL D 38 33.91 0.04 -22.88
C VAL D 38 32.63 0.52 -23.56
N LYS D 39 32.38 -0.02 -24.74
CA LYS D 39 31.15 0.24 -25.47
C LYS D 39 30.02 -0.60 -24.92
N ASP D 40 30.28 -1.90 -24.73
CA ASP D 40 29.21 -2.75 -24.17
C ASP D 40 29.81 -4.05 -23.65
N VAL D 41 29.01 -4.79 -22.89
CA VAL D 41 29.42 -6.07 -22.32
C VAL D 41 28.32 -7.09 -22.68
N GLN D 42 28.73 -8.27 -23.14
CA GLN D 42 27.84 -9.33 -23.53
C GLN D 42 28.12 -10.60 -22.71
N LEU D 43 27.06 -11.19 -22.15
CA LEU D 43 27.18 -12.50 -21.49
C LEU D 43 26.96 -13.55 -22.56
N ILE D 44 27.99 -14.39 -22.74
CA ILE D 44 28.03 -15.45 -23.74
C ILE D 44 27.62 -16.79 -23.18
N GLU D 45 28.05 -17.12 -21.95
CA GLU D 45 27.82 -18.40 -21.36
C GLU D 45 27.72 -18.25 -19.82
N GLY D 46 27.11 -19.24 -19.19
CA GLY D 46 27.08 -19.35 -17.75
C GLY D 46 25.94 -18.61 -17.15
N ASP D 47 25.86 -18.75 -15.82
CA ASP D 47 24.73 -18.40 -15.03
C ASP D 47 25.01 -17.23 -14.08
N GLY D 48 26.12 -16.54 -14.24
CA GLY D 48 26.46 -15.44 -13.31
C GLY D 48 27.52 -15.85 -12.31
N GLY D 49 27.85 -17.09 -12.10
CA GLY D 49 28.93 -17.53 -11.19
C GLY D 49 30.14 -18.07 -11.97
N VAL D 50 30.85 -19.02 -11.38
CA VAL D 50 31.97 -19.60 -12.08
C VAL D 50 31.54 -20.16 -13.43
N GLY D 51 32.37 -19.90 -14.47
CA GLY D 51 32.09 -20.33 -15.83
C GLY D 51 31.38 -19.30 -16.65
N THR D 52 30.98 -18.17 -16.05
CA THR D 52 30.39 -17.11 -16.83
C THR D 52 31.40 -16.49 -17.78
N ILE D 53 31.07 -16.39 -19.04
CA ILE D 53 31.97 -15.82 -20.06
C ILE D 53 31.37 -14.55 -20.58
N LEU D 54 32.17 -13.50 -20.57
CA LEU D 54 31.81 -12.18 -20.95
C LEU D 54 32.66 -11.68 -22.11
N ILE D 55 32.06 -10.94 -23.03
CA ILE D 55 32.81 -10.19 -24.03
C ILE D 55 32.68 -8.68 -23.73
N PHE D 56 33.79 -8.04 -23.53
CA PHE D 56 33.89 -6.58 -23.38
C PHE D 56 34.25 -6.03 -24.76
N ASN D 57 33.33 -5.29 -25.38
CA ASN D 57 33.62 -4.67 -26.66
C ASN D 57 34.06 -3.22 -26.36
N PHE D 58 35.18 -2.84 -26.92
CA PHE D 58 35.71 -1.51 -26.69
C PHE D 58 35.29 -0.55 -27.80
N LEU D 59 35.38 0.73 -27.52
CA LEU D 59 35.02 1.81 -28.40
C LEU D 59 35.79 1.77 -29.74
N PRO D 60 35.23 2.31 -30.79
CA PRO D 60 35.81 2.35 -32.13
C PRO D 60 37.29 2.53 -32.25
N GLU D 61 37.95 3.48 -31.55
CA GLU D 61 39.40 3.62 -31.92
C GLU D 61 40.30 2.82 -30.97
N VAL D 62 39.72 2.11 -30.03
CA VAL D 62 40.51 1.36 -29.03
C VAL D 62 41.05 0.11 -29.66
N SER D 63 42.32 -0.24 -29.47
CA SER D 63 42.83 -1.50 -30.03
C SER D 63 43.62 -2.25 -28.95
N PRO D 64 43.45 -3.53 -28.71
CA PRO D 64 42.49 -4.42 -29.35
C PRO D 64 41.04 -3.96 -29.07
N SER D 65 40.17 -4.47 -29.92
CA SER D 65 38.80 -3.97 -29.90
C SER D 65 37.90 -4.77 -28.98
N TYR D 66 38.41 -5.82 -28.33
CA TYR D 66 37.59 -6.58 -27.42
C TYR D 66 38.47 -7.32 -26.41
N GLN D 67 37.91 -7.73 -25.28
N GLN D 67 37.74 -7.89 -25.47
CA GLN D 67 38.56 -8.68 -24.34
CA GLN D 67 38.33 -8.74 -24.44
C GLN D 67 37.49 -9.73 -24.06
C GLN D 67 37.30 -9.69 -23.89
N ARG D 68 37.88 -10.97 -23.89
N ARG D 68 37.52 -10.97 -24.05
CA ARG D 68 36.95 -12.05 -23.48
CA ARG D 68 36.65 -12.01 -23.46
C ARG D 68 37.38 -12.54 -22.09
C ARG D 68 37.26 -12.41 -22.11
N GLU D 69 36.52 -12.55 -21.11
N GLU D 69 36.45 -12.53 -21.08
CA GLU D 69 36.89 -12.93 -19.74
C GLU D 69 35.95 -14.01 -19.23
N GLU D 70 36.46 -14.84 -18.34
CA GLU D 70 35.69 -15.88 -17.72
C GLU D 70 35.82 -15.74 -16.19
N ILE D 71 34.67 -15.86 -15.52
CA ILE D 71 34.70 -15.91 -14.04
C ILE D 71 35.24 -17.27 -13.61
N THR D 72 36.40 -17.24 -12.95
CA THR D 72 37.06 -18.48 -12.49
C THR D 72 36.94 -18.72 -10.98
N GLU D 73 36.58 -17.69 -10.25
CA GLU D 73 36.36 -17.76 -8.81
C GLU D 73 35.15 -16.87 -8.45
N PHE D 74 34.28 -17.47 -7.62
CA PHE D 74 33.08 -16.72 -7.16
C PHE D 74 32.68 -17.25 -5.80
N ASP D 75 32.97 -16.47 -4.75
CA ASP D 75 32.73 -16.95 -3.38
C ASP D 75 31.91 -15.88 -2.61
N GLU D 76 30.66 -16.18 -2.38
CA GLU D 76 29.74 -15.25 -1.69
C GLU D 76 30.19 -15.07 -0.26
N SER D 77 30.70 -16.12 0.36
CA SER D 77 31.01 -15.96 1.80
C SER D 77 32.15 -15.00 2.03
N SER D 78 33.17 -15.06 1.16
CA SER D 78 34.34 -14.24 1.36
C SER D 78 34.38 -13.03 0.45
N HIS D 79 33.32 -12.89 -0.36
CA HIS D 79 33.21 -11.78 -1.29
C HIS D 79 34.45 -11.70 -2.20
N GLU D 80 34.73 -12.84 -2.85
CA GLU D 80 35.82 -12.92 -3.80
C GLU D 80 35.27 -13.22 -5.21
N ILE D 81 35.75 -12.54 -6.19
CA ILE D 81 35.45 -12.78 -7.57
C ILE D 81 36.72 -12.68 -8.40
N GLY D 82 36.97 -13.68 -9.25
CA GLY D 82 38.12 -13.66 -10.13
C GLY D 82 37.71 -13.84 -11.57
N LEU D 83 38.39 -13.11 -12.44
CA LEU D 83 38.13 -13.09 -13.87
C LEU D 83 39.43 -13.30 -14.63
N GLN D 84 39.46 -14.35 -15.46
CA GLN D 84 40.62 -14.60 -16.31
C GLN D 84 40.37 -14.09 -17.71
N VAL D 85 41.37 -13.36 -18.29
CA VAL D 85 41.26 -13.01 -19.71
C VAL D 85 41.51 -14.27 -20.53
N ILE D 86 40.58 -14.56 -21.43
CA ILE D 86 40.72 -15.77 -22.22
C ILE D 86 40.97 -15.46 -23.68
N GLU D 87 40.70 -14.27 -24.16
CA GLU D 87 40.96 -13.92 -25.58
C GLU D 87 41.02 -12.38 -25.68
N GLY D 88 41.86 -11.84 -26.54
CA GLY D 88 41.90 -10.40 -26.72
C GLY D 88 42.45 -9.66 -25.53
N GLY D 89 42.10 -8.34 -25.43
CA GLY D 89 42.66 -7.51 -24.40
C GLY D 89 44.15 -7.63 -24.24
N TYR D 90 44.61 -7.80 -23.02
CA TYR D 90 46.04 -7.89 -22.78
C TYR D 90 46.68 -9.10 -23.43
N LEU D 91 45.93 -10.13 -23.73
CA LEU D 91 46.49 -11.33 -24.39
C LEU D 91 46.84 -11.02 -25.84
N SER D 92 46.42 -9.88 -26.39
CA SER D 92 46.77 -9.36 -27.70
C SER D 92 47.93 -8.36 -27.63
N GLN D 93 48.44 -8.11 -26.44
CA GLN D 93 49.47 -7.11 -26.19
C GLN D 93 50.67 -7.67 -25.49
N GLY D 94 50.94 -8.94 -25.63
CA GLY D 94 52.16 -9.55 -25.14
C GLY D 94 52.02 -10.32 -23.86
N LEU D 95 50.83 -10.35 -23.27
CA LEU D 95 50.60 -11.15 -22.06
C LEU D 95 50.25 -12.58 -22.55
N SER D 96 50.77 -13.59 -21.91
CA SER D 96 50.40 -14.98 -22.18
C SER D 96 49.33 -15.47 -21.15
N TYR D 97 49.20 -14.78 -20.04
CA TYR D 97 48.27 -15.17 -18.99
C TYR D 97 47.90 -13.90 -18.24
N TYR D 98 46.61 -13.73 -17.90
CA TYR D 98 46.17 -12.59 -17.13
C TYR D 98 44.86 -12.94 -16.39
N LYS D 99 44.92 -12.73 -15.08
CA LYS D 99 43.75 -12.95 -14.22
C LYS D 99 43.72 -11.86 -13.13
N THR D 100 42.51 -11.39 -12.83
CA THR D 100 42.28 -10.40 -11.82
C THR D 100 41.35 -11.01 -10.73
N THR D 101 41.76 -10.94 -9.47
CA THR D 101 40.90 -11.40 -8.36
C THR D 101 40.65 -10.20 -7.44
N PHE D 102 39.39 -9.97 -7.13
CA PHE D 102 38.92 -8.93 -6.23
C PHE D 102 38.44 -9.65 -4.92
N LYS D 103 38.83 -9.11 -3.78
CA LYS D 103 38.33 -9.66 -2.50
C LYS D 103 37.85 -8.45 -1.66
N LEU D 104 36.65 -8.52 -1.14
CA LEU D 104 36.03 -7.39 -0.41
C LEU D 104 35.94 -7.73 1.06
N SER D 105 36.26 -6.81 1.95
CA SER D 105 36.18 -6.95 3.37
C SER D 105 35.59 -5.69 3.99
N GLU D 106 34.63 -5.89 4.91
CA GLU D 106 34.09 -4.76 5.67
C GLU D 106 35.11 -4.26 6.67
N ILE D 107 35.40 -2.97 6.58
CA ILE D 107 36.29 -2.34 7.53
C ILE D 107 35.48 -1.43 8.52
N GLU D 108 34.44 -0.80 8.01
CA GLU D 108 33.47 -0.05 8.82
C GLU D 108 32.12 -0.17 8.09
N GLU D 109 31.09 0.34 8.68
CA GLU D 109 29.73 0.12 8.13
C GLU D 109 29.70 0.70 6.70
N ASP D 110 30.44 1.79 6.48
CA ASP D 110 30.47 2.43 5.18
C ASP D 110 31.86 2.47 4.58
N LYS D 111 32.70 1.50 4.94
CA LYS D 111 34.04 1.44 4.33
C LYS D 111 34.33 0.00 4.00
N THR D 112 34.79 -0.22 2.77
CA THR D 112 35.09 -1.53 2.28
C THR D 112 36.50 -1.60 1.70
N LEU D 113 37.29 -2.55 2.16
CA LEU D 113 38.60 -2.86 1.60
C LEU D 113 38.44 -3.77 0.38
N VAL D 114 39.08 -3.40 -0.69
CA VAL D 114 39.16 -4.23 -1.88
C VAL D 114 40.65 -4.62 -2.15
N ASN D 115 40.94 -5.88 -1.95
CA ASN D 115 42.22 -6.40 -2.33
C ASN D 115 42.16 -6.84 -3.83
N VAL D 116 43.22 -6.54 -4.56
CA VAL D 116 43.31 -6.83 -5.97
C VAL D 116 44.57 -7.69 -6.18
N LYS D 117 44.36 -8.87 -6.71
CA LYS D 117 45.47 -9.80 -7.00
C LYS D 117 45.47 -10.02 -8.49
N ILE D 118 46.59 -9.71 -9.14
CA ILE D 118 46.79 -9.89 -10.57
C ILE D 118 47.81 -10.99 -10.78
N SER D 119 47.40 -12.04 -11.47
CA SER D 119 48.25 -13.19 -11.84
C SER D 119 48.53 -13.05 -13.33
N TYR D 120 49.82 -13.06 -13.69
CA TYR D 120 50.17 -12.73 -15.07
C TYR D 120 51.44 -13.42 -15.51
N ASP D 121 51.59 -13.53 -16.81
CA ASP D 121 52.83 -13.95 -17.48
C ASP D 121 52.88 -13.27 -18.82
N HIS D 122 54.12 -13.06 -19.32
CA HIS D 122 54.36 -12.48 -20.59
C HIS D 122 54.95 -13.46 -21.59
N ASP D 123 54.57 -13.26 -22.83
CA ASP D 123 55.27 -13.90 -23.96
C ASP D 123 56.61 -13.16 -24.14
N SER D 124 57.69 -13.88 -23.89
CA SER D 124 59.04 -13.32 -23.87
C SER D 124 59.52 -12.85 -25.23
N ASP D 125 58.90 -13.30 -26.30
CA ASP D 125 59.34 -12.86 -27.64
C ASP D 125 58.66 -11.60 -28.12
N ILE D 126 57.52 -11.24 -27.55
CA ILE D 126 56.82 -10.00 -27.95
C ILE D 126 57.39 -8.82 -27.21
N GLU D 127 57.77 -7.75 -27.93
CA GLU D 127 58.45 -6.63 -27.36
C GLU D 127 57.58 -5.77 -26.48
N GLU D 128 56.36 -5.51 -26.96
CA GLU D 128 55.36 -4.75 -26.17
C GLU D 128 55.34 -5.22 -24.72
N LYS D 129 55.37 -4.26 -23.79
CA LYS D 129 55.50 -4.49 -22.39
C LYS D 129 54.42 -3.72 -21.63
N VAL D 130 53.35 -4.46 -21.39
CA VAL D 130 52.27 -4.08 -20.53
C VAL D 130 52.59 -4.61 -19.11
N THR D 131 52.77 -3.76 -18.14
CA THR D 131 53.17 -4.09 -16.80
C THR D 131 52.03 -4.13 -15.81
N PRO D 132 52.12 -4.97 -14.78
CA PRO D 132 51.04 -4.95 -13.75
C PRO D 132 51.00 -3.66 -13.00
N THR D 133 52.09 -2.89 -12.91
CA THR D 133 51.96 -1.57 -12.25
C THR D 133 50.95 -0.76 -13.02
N LYS D 134 51.04 -0.81 -14.35
CA LYS D 134 50.09 -0.05 -15.15
C LYS D 134 48.69 -0.65 -15.16
N THR D 135 48.62 -1.97 -15.39
CA THR D 135 47.27 -2.55 -15.46
C THR D 135 46.57 -2.45 -14.12
N SER D 136 47.26 -2.53 -13.01
CA SER D 136 46.63 -2.37 -11.70
C SER D 136 46.05 -0.98 -11.54
N GLN D 137 46.67 0.05 -12.10
CA GLN D 137 46.15 1.42 -12.09
C GLN D 137 44.81 1.48 -12.79
N SER D 138 44.69 0.77 -13.92
CA SER D 138 43.40 0.74 -14.59
C SER D 138 42.34 0.03 -13.74
N THR D 139 42.72 -1.07 -13.08
CA THR D 139 41.74 -1.77 -12.21
C THR D 139 41.31 -0.95 -11.02
N LEU D 140 42.32 -0.27 -10.41
CA LEU D 140 41.96 0.58 -9.24
C LEU D 140 41.09 1.73 -9.70
N MET D 141 41.29 2.24 -10.89
CA MET D 141 40.45 3.32 -11.41
C MET D 141 39.06 2.80 -11.59
N TYR D 142 38.87 1.57 -12.06
CA TYR D 142 37.51 0.98 -12.16
C TYR D 142 36.83 1.02 -10.79
N LEU D 143 37.56 0.56 -9.78
CA LEU D 143 36.97 0.52 -8.41
C LEU D 143 36.59 1.90 -7.94
N ARG D 144 37.46 2.89 -8.14
CA ARG D 144 37.15 4.25 -7.67
C ARG D 144 35.95 4.81 -8.44
N ARG D 145 35.82 4.46 -9.74
CA ARG D 145 34.65 4.89 -10.50
C ARG D 145 33.38 4.18 -10.03
N LEU D 146 33.49 2.92 -9.59
CA LEU D 146 32.31 2.27 -8.98
C LEU D 146 31.90 3.00 -7.72
N GLU D 147 32.88 3.36 -6.91
CA GLU D 147 32.54 4.11 -5.66
C GLU D 147 31.78 5.39 -6.03
N ARG D 148 32.27 6.10 -7.01
CA ARG D 148 31.66 7.37 -7.45
C ARG D 148 30.27 7.10 -8.04
N TYR D 149 30.09 6.05 -8.79
CA TYR D 149 28.79 5.70 -9.40
C TYR D 149 27.78 5.48 -8.29
N LEU D 150 28.20 4.71 -7.27
CA LEU D 150 27.30 4.37 -6.20
C LEU D 150 26.96 5.56 -5.32
N SER D 151 27.84 6.50 -5.24
CA SER D 151 27.67 7.70 -4.40
C SER D 151 26.83 8.76 -5.08
N ASN D 152 26.99 8.93 -6.40
CA ASN D 152 26.22 9.96 -7.12
C ASN D 152 26.45 9.71 -8.62
N GLY D 153 25.79 8.63 -9.09
CA GLY D 153 26.21 7.93 -10.26
C GLY D 153 25.54 8.32 -11.52
N SER D 154 24.47 9.17 -11.43
CA SER D 154 23.53 9.22 -12.57
C SER D 154 22.31 10.05 -12.25
#